data_7X90
#
_entry.id   7X90
#
_cell.length_a   1.00
_cell.length_b   1.00
_cell.length_c   1.00
_cell.angle_alpha   90.00
_cell.angle_beta   90.00
_cell.angle_gamma   90.00
#
_symmetry.space_group_name_H-M   'P 1'
#
loop_
_entity.id
_entity.type
_entity.pdbx_description
1 polymer 'Ab326 heavy chain'
2 polymer 'Ab326 light chain'
3 polymer 'Spike glycoprotein'
4 branched 2-acetamido-2-deoxy-beta-D-glucopyranose-(1-4)-2-acetamido-2-deoxy-beta-D-glucopyranose
#
loop_
_entity_poly.entity_id
_entity_poly.type
_entity_poly.pdbx_seq_one_letter_code
_entity_poly.pdbx_strand_id
1 'polypeptide(L)'
;MDPKGSLSWRILLFLSLAFELSYGLEEVQLVESGGGVVQPGRSLRLSCAASGFTFSHYPMHWVRQAPGRGLEWVAVISYD
GSNQHYVDSVKGRFTISRDNSKNTLYLQMNSLRAEDTAVYFCASLITMIRGVPDYWGQGTLVTVSSASTKGPSVFPLAPS
SKSTSGGTAALGCLVKDYFPEPVTVSWNSGALTSGVHTFPAVLQSSGLYSLSSVVTVPSSSLGTQTYICNVNHKPSNTKV
DKKVEPKSCENLYFQGHHHHHH
;
E
2 'polypeptide(L)'
;MDPKGSLSWRILLFLSLAFELSYGLEDIQMTQSPSSLSASVGDRVTITCRASQSISNYLNWYQQKPGKAPNLLIFAASSL
QSGVPSRFSGSGSGTEFTLTISSLQPEDFAAYYCLQTYSTPRTFGQGTRLEIKRTVAAPSVFIFPPSDEQLKSGTASVVC
LLNNFYPREAKVQWKVDNALQSGNSQESVTEQDSKDSTYSLSSTLTLSKADYEKHKVYACEVTHQGLSSPVTKSFNRGEC
;
F
3 'polypeptide(L)'
;MFVFLVLLPLVSSQCVNLTTRTQLPPAYTNSFTRGVYYPDKVFRSSVLHSTQDLFLPFFSNVTWFHAIHVSGTNGTKRFD
NPVLPFNDGVYFASTEKSNIIRGWIFGTTLDSKTQSLLIVNNATNVVIKVCEFQFCNDPFLGVYYHKNNKSWMESEFRVY
SSANNCTFEYVSQPFLMDLEGKQGNFKNLREFVFKNIDGYFKIYSKHTPINLVRDLPQGFSALEPLVDLPIGINITRFQT
LLALHRSYLTPGDSSSGWTAGAAAYYVGYLQPRTFLLKYNENGTITDAVDCALDPLSETKCTLKSFTVEKGIYQTSNFRV
QPTESIVRFPNITNLCPFGEVFNATRFASVYAWNRKRISNCVADYSVLYNSASFSTFKCYGVSPTKLNDLCFTNVYADSF
VIRGDEVRQIAPGQTGKIADYNYKLPDDFTGCVIAWNSNNLDSKVGGNYNYLYRLFRKSNLKPFERDISTEIYQAGSTPC
NGVEGFNCYFPLQSYGFQPTNGVGYQPYRVVVLSFELLHAPATVCGPKKSTNLVKNKCVNFNFNGLTGTGVLTESNKKFL
PFQQFGRDIADTTDAVRDPQTLEILDITPCSFGGVSVITPGTNTSNQVAVLYQDVNCTEVPVAIHADQLTPTWRVYSTGS
NVFQTRAGCLIGAEHVNNSYECDIPIGAGICASYQTQTNSPGSASSVASQSIIAYTMSLGAENSVAYSNNSIAIPTNFTI
SVTTEILPVSMTKTSVDCTMYICGDSTECSNLLLQYGSFCTQLNRALTGIAVEQDKNTQEVFAQVKQIYKTPPIKDFGGF
NFSQILPDPSKPSKRSPIEDLLFNKVTLADAGFIKQYGDCLGDIAARDLICAQKFNGLTVLPPLLTDEMIAQYTSALLAG
TITSGWTFGAGPALQIPFPMQMAYRFNGIGVTQNVLYENQKLIANQFNSAIGKIQDSLSSTPSALGKLQDVVNQNAQALN
TLVKQLSSNFGAISSVLNDILSRLDPPEAEVQIDRLITGRLQSLQTYVTQQLIRAAEIRASANLAATKMSECVLGQSKRV
DFCGKGYHLMSFPQSAPHGVVFLHVTYVPAQEKNFTTAPAICHDGKAHFPREGVFVSNGTHWFVTQRNFYEPQIITTDNT
FVSGNCDVVIGIVNNTVYDPLQPELDSFKEELDKYFKNHTSPDVDLGDISGINASVVNIQKEIDRLNEVAKNLNESLIDL
QELGKYEQAAAGSGYIPEAPRDGQAYVRKDGEWVLLSTFLGSSGRENLYFQGGGGSGLNDIFEAQKIEWHEGHHHHHH
;
G
#
loop_
_chem_comp.id
_chem_comp.type
_chem_comp.name
_chem_comp.formula
NAG D-saccharide, beta linking 2-acetamido-2-deoxy-beta-D-glucopyranose 'C8 H15 N O6'
#
# COMPACT_ATOMS: atom_id res chain seq x y z
N VAL A 28 12.27 0.70 -7.62
CA VAL A 28 11.64 -0.17 -6.63
C VAL A 28 11.92 -1.63 -7.00
N GLN A 29 12.54 -2.36 -6.07
CA GLN A 29 12.92 -3.74 -6.33
C GLN A 29 13.22 -4.42 -5.00
N LEU A 30 13.40 -5.74 -5.07
CA LEU A 30 13.80 -6.51 -3.90
C LEU A 30 14.43 -7.80 -4.37
N VAL A 31 15.53 -8.19 -3.71
CA VAL A 31 16.30 -9.37 -4.06
C VAL A 31 16.50 -10.21 -2.81
N GLU A 32 16.94 -11.45 -3.01
CA GLU A 32 17.17 -12.40 -1.94
C GLU A 32 18.46 -13.17 -2.19
N SER A 33 19.07 -13.63 -1.11
CA SER A 33 20.35 -14.32 -1.19
C SER A 33 20.50 -15.26 0.00
N GLY A 34 21.45 -16.17 -0.12
CA GLY A 34 21.72 -17.15 0.92
C GLY A 34 21.38 -18.58 0.58
N GLY A 35 21.01 -18.86 -0.66
CA GLY A 35 20.66 -20.21 -1.05
C GLY A 35 21.86 -21.10 -1.25
N GLY A 36 21.59 -22.38 -1.42
CA GLY A 36 22.65 -23.35 -1.65
C GLY A 36 22.13 -24.76 -1.44
N VAL A 37 23.07 -25.70 -1.46
CA VAL A 37 22.80 -27.12 -1.23
C VAL A 37 23.60 -27.56 -0.02
N VAL A 38 22.91 -28.20 0.94
CA VAL A 38 23.50 -28.56 2.23
C VAL A 38 22.99 -29.94 2.63
N GLN A 39 23.59 -30.48 3.69
CA GLN A 39 23.20 -31.77 4.20
C GLN A 39 21.85 -31.70 4.90
N PRO A 40 21.18 -32.85 5.09
CA PRO A 40 19.89 -32.84 5.80
C PRO A 40 20.07 -32.54 7.29
N GLY A 41 19.71 -31.33 7.68
CA GLY A 41 19.84 -30.91 9.07
C GLY A 41 21.02 -30.00 9.28
N ARG A 42 20.77 -28.69 9.33
CA ARG A 42 21.82 -27.69 9.53
C ARG A 42 21.13 -26.33 9.60
N SER A 43 21.90 -25.34 10.05
CA SER A 43 21.40 -23.98 10.22
C SER A 43 21.73 -23.16 8.98
N LEU A 44 20.69 -22.68 8.29
CA LEU A 44 20.84 -21.86 7.10
C LEU A 44 20.11 -20.54 7.31
N ARG A 45 20.83 -19.44 7.14
CA ARG A 45 20.28 -18.10 7.26
C ARG A 45 20.29 -17.43 5.90
N LEU A 46 19.12 -16.93 5.48
CA LEU A 46 18.99 -16.29 4.19
C LEU A 46 18.38 -14.90 4.35
N SER A 47 18.75 -13.99 3.46
CA SER A 47 18.44 -12.58 3.58
C SER A 47 17.62 -12.12 2.40
N CYS A 48 16.74 -11.15 2.66
CA CYS A 48 15.88 -10.53 1.67
C CYS A 48 15.99 -9.02 1.82
N ALA A 49 16.59 -8.36 0.83
CA ALA A 49 16.83 -6.93 0.87
C ALA A 49 15.94 -6.25 -0.17
N ALA A 50 15.13 -5.29 0.28
CA ALA A 50 14.21 -4.58 -0.59
C ALA A 50 14.52 -3.09 -0.53
N SER A 51 14.51 -2.44 -1.70
CA SER A 51 14.76 -1.02 -1.82
C SER A 51 13.64 -0.40 -2.67
N GLY A 52 13.41 0.89 -2.44
CA GLY A 52 12.31 1.58 -3.09
C GLY A 52 11.18 1.85 -2.13
N PHE A 53 10.11 1.07 -2.23
CA PHE A 53 9.00 1.22 -1.29
C PHE A 53 9.50 1.06 0.13
N THR A 54 9.01 1.91 1.03
CA THR A 54 9.47 1.87 2.41
C THR A 54 9.23 0.48 3.00
N PHE A 55 10.21 0.00 3.75
CA PHE A 55 10.20 -1.37 4.25
C PHE A 55 9.58 -1.49 5.63
N SER A 56 9.62 -0.43 6.44
CA SER A 56 9.17 -0.48 7.82
C SER A 56 7.69 -0.15 7.99
N HIS A 57 6.89 -0.35 6.94
CA HIS A 57 5.45 -0.07 7.02
C HIS A 57 4.57 -1.30 6.76
N TYR A 58 5.11 -2.37 6.19
CA TYR A 58 4.29 -3.47 5.70
C TYR A 58 4.77 -4.79 6.28
N PRO A 59 3.87 -5.77 6.41
CA PRO A 59 4.32 -7.12 6.76
C PRO A 59 5.12 -7.75 5.63
N MET A 60 5.62 -8.97 5.84
CA MET A 60 6.30 -9.69 4.77
C MET A 60 6.07 -11.18 4.93
N HIS A 61 5.95 -11.86 3.79
CA HIS A 61 5.66 -13.28 3.76
C HIS A 61 6.76 -14.01 3.01
N TRP A 62 7.00 -15.25 3.42
CA TRP A 62 7.83 -16.17 2.67
C TRP A 62 6.94 -17.25 2.06
N VAL A 63 7.15 -17.55 0.78
CA VAL A 63 6.32 -18.52 0.09
C VAL A 63 7.22 -19.53 -0.62
N ARG A 64 6.84 -20.80 -0.51
CA ARG A 64 7.66 -21.92 -0.99
C ARG A 64 7.00 -22.55 -2.22
N GLN A 65 7.83 -22.92 -3.19
CA GLN A 65 7.36 -23.60 -4.41
C GLN A 65 8.28 -24.78 -4.67
N ALA A 66 7.76 -25.99 -4.53
CA ALA A 66 8.55 -27.16 -4.84
C ALA A 66 8.63 -27.36 -6.35
N PRO A 67 9.71 -27.95 -6.85
CA PRO A 67 9.82 -28.15 -8.30
C PRO A 67 8.69 -29.03 -8.83
N GLY A 68 8.17 -28.66 -10.00
CA GLY A 68 7.13 -29.44 -10.65
C GLY A 68 5.91 -29.65 -9.78
N ARG A 69 5.43 -28.59 -9.13
CA ARG A 69 4.29 -28.68 -8.24
C ARG A 69 3.76 -27.28 -7.99
N GLY A 70 2.67 -27.18 -7.24
CA GLY A 70 2.14 -25.90 -6.84
C GLY A 70 3.08 -25.19 -5.89
N LEU A 71 2.57 -24.21 -5.15
CA LEU A 71 3.38 -23.47 -4.19
C LEU A 71 2.61 -23.32 -2.90
N GLU A 72 3.35 -23.31 -1.79
CA GLU A 72 2.77 -23.25 -0.45
C GLU A 72 3.37 -22.07 0.32
N TRP A 73 2.77 -21.79 1.46
CA TRP A 73 3.16 -20.69 2.33
C TRP A 73 3.81 -21.23 3.59
N VAL A 74 4.79 -20.50 4.13
CA VAL A 74 5.55 -20.92 5.29
C VAL A 74 5.33 -20.00 6.49
N ALA A 75 5.54 -18.70 6.32
CA ALA A 75 5.53 -17.82 7.48
C ALA A 75 5.33 -16.36 7.05
N VAL A 76 4.92 -15.55 8.03
CA VAL A 76 4.75 -14.11 7.86
C VAL A 76 5.26 -13.40 9.10
N ILE A 77 5.78 -12.19 8.89
CA ILE A 77 6.26 -11.33 9.97
C ILE A 77 5.60 -9.97 9.84
N SER A 78 5.20 -9.40 10.98
CA SER A 78 4.56 -8.09 11.02
C SER A 78 5.63 -7.01 10.84
N TYR A 79 5.23 -5.74 10.96
CA TYR A 79 6.17 -4.66 10.69
C TYR A 79 7.20 -4.53 11.80
N ASP A 80 6.77 -4.63 13.05
CA ASP A 80 7.67 -4.47 14.18
C ASP A 80 8.39 -5.75 14.55
N GLY A 81 8.08 -6.87 13.90
CA GLY A 81 8.71 -8.13 14.21
C GLY A 81 8.41 -8.64 15.61
N SER A 82 7.19 -8.40 16.09
CA SER A 82 6.77 -8.88 17.40
C SER A 82 5.91 -10.14 17.31
N ASN A 83 5.27 -10.38 16.18
CA ASN A 83 4.41 -11.54 15.98
C ASN A 83 4.91 -12.35 14.79
N GLN A 84 4.86 -13.66 14.90
CA GLN A 84 5.42 -14.58 13.91
C GLN A 84 4.43 -15.72 13.68
N HIS A 85 3.62 -15.60 12.63
CA HIS A 85 2.71 -16.67 12.27
C HIS A 85 3.36 -17.60 11.25
N TYR A 86 3.08 -18.91 11.42
CA TYR A 86 3.67 -19.95 10.61
C TYR A 86 2.58 -20.91 10.16
N VAL A 87 2.89 -21.68 9.13
CA VAL A 87 2.02 -22.78 8.73
C VAL A 87 2.27 -23.97 9.63
N ASP A 88 1.26 -24.83 9.78
CA ASP A 88 1.39 -25.98 10.65
C ASP A 88 2.10 -27.13 9.94
N SER A 89 3.27 -26.85 9.38
CA SER A 89 4.10 -27.87 8.77
C SER A 89 5.58 -27.77 9.12
N VAL A 90 6.06 -26.58 9.48
CA VAL A 90 7.47 -26.40 9.85
C VAL A 90 7.55 -25.65 11.18
N LYS A 91 6.50 -25.73 11.98
CA LYS A 91 6.50 -25.04 13.27
C LYS A 91 7.69 -25.48 14.10
N GLY A 92 8.36 -24.52 14.71
CA GLY A 92 9.54 -24.76 15.53
C GLY A 92 10.84 -24.75 14.75
N ARG A 93 10.85 -25.38 13.58
CA ARG A 93 12.06 -25.46 12.79
C ARG A 93 12.49 -24.09 12.28
N PHE A 94 11.54 -23.26 11.87
CA PHE A 94 11.81 -22.00 11.20
C PHE A 94 11.79 -20.83 12.18
N THR A 95 12.44 -19.74 11.79
CA THR A 95 12.39 -18.49 12.52
C THR A 95 12.60 -17.36 11.53
N ILE A 96 11.97 -16.22 11.79
CA ILE A 96 12.04 -15.07 10.88
C ILE A 96 12.06 -13.80 11.70
N SER A 97 12.87 -12.83 11.25
CA SER A 97 12.97 -11.54 11.91
C SER A 97 13.27 -10.48 10.86
N ARG A 98 13.25 -9.22 11.29
CA ARG A 98 13.50 -8.10 10.40
C ARG A 98 14.49 -7.13 11.03
N ASP A 99 15.21 -6.41 10.19
CA ASP A 99 16.16 -5.38 10.61
C ASP A 99 15.82 -4.11 9.83
N ASN A 100 15.05 -3.22 10.46
CA ASN A 100 14.62 -2.00 9.78
C ASN A 100 15.81 -1.09 9.46
N SER A 101 16.74 -0.94 10.40
CA SER A 101 17.90 -0.08 10.16
C SER A 101 18.69 -0.59 8.98
N LYS A 102 18.95 -1.90 8.93
CA LYS A 102 19.57 -2.51 7.76
C LYS A 102 18.59 -2.69 6.61
N ASN A 103 17.29 -2.60 6.88
CA ASN A 103 16.26 -2.71 5.84
C ASN A 103 16.33 -4.08 5.16
N THR A 104 16.18 -5.12 5.98
CA THR A 104 16.30 -6.48 5.47
C THR A 104 15.39 -7.41 6.28
N LEU A 105 15.11 -8.56 5.69
CA LEU A 105 14.37 -9.63 6.33
C LEU A 105 15.26 -10.87 6.40
N TYR A 106 15.41 -11.43 7.60
CA TYR A 106 16.28 -12.58 7.82
C TYR A 106 15.43 -13.79 8.17
N LEU A 107 15.64 -14.89 7.46
CA LEU A 107 14.95 -16.15 7.74
C LEU A 107 16.00 -17.20 8.08
N GLN A 108 15.87 -17.80 9.26
CA GLN A 108 16.78 -18.83 9.73
C GLN A 108 16.01 -20.14 9.81
N MET A 109 16.48 -21.15 9.07
CA MET A 109 15.86 -22.47 9.06
C MET A 109 16.88 -23.48 9.57
N ASN A 110 16.45 -24.28 10.54
CA ASN A 110 17.31 -25.27 11.17
C ASN A 110 16.55 -26.60 11.30
N SER A 111 17.30 -27.68 11.39
CA SER A 111 16.74 -29.02 11.47
C SER A 111 15.84 -29.30 10.25
N LEU A 112 16.33 -28.92 9.08
CA LEU A 112 15.58 -29.12 7.86
C LEU A 112 15.53 -30.62 7.51
N ARG A 113 14.62 -30.96 6.61
CA ARG A 113 14.46 -32.34 6.15
C ARG A 113 14.31 -32.34 4.64
N ALA A 114 14.16 -33.54 4.07
CA ALA A 114 14.29 -33.71 2.63
C ALA A 114 13.24 -32.91 1.86
N GLU A 115 11.98 -32.95 2.32
CA GLU A 115 10.91 -32.33 1.54
C GLU A 115 11.04 -30.82 1.46
N ASP A 116 11.90 -30.20 2.26
CA ASP A 116 12.04 -28.75 2.22
C ASP A 116 12.62 -28.25 0.91
N THR A 117 13.23 -29.13 0.11
CA THR A 117 13.84 -28.70 -1.15
C THR A 117 12.81 -27.99 -2.02
N ALA A 118 13.05 -26.71 -2.29
CA ALA A 118 12.12 -25.90 -3.07
C ALA A 118 12.77 -24.55 -3.35
N VAL A 119 12.01 -23.67 -3.99
CA VAL A 119 12.42 -22.29 -4.25
C VAL A 119 11.61 -21.39 -3.33
N TYR A 120 12.30 -20.49 -2.63
CA TYR A 120 11.67 -19.57 -1.70
C TYR A 120 11.55 -18.20 -2.34
N PHE A 121 10.42 -17.54 -2.14
CA PHE A 121 10.20 -16.17 -2.57
C PHE A 121 9.87 -15.30 -1.37
N CYS A 122 10.48 -14.12 -1.35
CA CYS A 122 10.24 -13.08 -0.35
C CYS A 122 9.26 -12.08 -0.95
N ALA A 123 8.06 -11.98 -0.36
CA ALA A 123 6.99 -11.22 -1.00
C ALA A 123 6.23 -10.41 0.03
N SER A 124 5.40 -9.51 -0.49
CA SER A 124 4.39 -8.80 0.28
C SER A 124 3.05 -8.99 -0.41
N LEU A 125 2.04 -9.39 0.33
CA LEU A 125 0.77 -9.84 -0.23
C LEU A 125 -0.34 -8.89 0.18
N ILE A 126 -1.16 -8.49 -0.80
CA ILE A 126 -2.31 -7.63 -0.56
C ILE A 126 -3.48 -8.49 -0.09
N THR A 127 -4.33 -7.92 0.75
CA THR A 127 -5.46 -8.65 1.32
C THR A 127 -6.80 -8.09 0.86
N MET A 128 -7.08 -6.81 1.09
CA MET A 128 -8.35 -6.23 0.68
C MET A 128 -8.24 -4.81 0.15
N ILE A 129 -7.05 -4.22 0.14
CA ILE A 129 -6.89 -2.83 -0.29
C ILE A 129 -5.58 -2.70 -1.06
N ARG A 130 -5.52 -1.65 -1.89
CA ARG A 130 -4.44 -1.44 -2.82
C ARG A 130 -3.28 -0.66 -2.21
N GLY A 131 -3.15 -0.67 -0.89
CA GLY A 131 -2.11 0.10 -0.23
C GLY A 131 -0.74 -0.54 -0.31
N VAL A 132 -0.60 -1.71 0.29
CA VAL A 132 0.71 -2.38 0.31
C VAL A 132 1.06 -2.88 -1.08
N PRO A 133 2.31 -2.72 -1.54
CA PRO A 133 2.65 -3.23 -2.88
C PRO A 133 2.77 -4.75 -2.91
N ASP A 134 3.04 -5.32 -4.07
CA ASP A 134 3.00 -6.76 -4.29
C ASP A 134 4.22 -7.24 -5.05
N TYR A 135 5.40 -6.77 -4.66
CA TYR A 135 6.63 -7.16 -5.34
C TYR A 135 7.17 -8.47 -4.77
N TRP A 136 7.84 -9.23 -5.62
CA TRP A 136 8.22 -10.60 -5.31
C TRP A 136 9.70 -10.91 -5.49
N GLY A 137 10.45 -10.10 -6.23
CA GLY A 137 11.82 -10.50 -6.53
C GLY A 137 11.84 -11.62 -7.56
N GLN A 138 12.85 -12.48 -7.45
CA GLN A 138 13.01 -13.63 -8.35
C GLN A 138 12.85 -14.95 -7.61
N GLY A 139 13.67 -15.20 -6.59
CA GLY A 139 13.58 -16.40 -5.79
C GLY A 139 14.95 -16.91 -5.40
N THR A 140 14.94 -17.98 -4.61
CA THR A 140 16.18 -18.62 -4.18
C THR A 140 15.94 -20.12 -4.11
N LEU A 141 16.71 -20.88 -4.89
CA LEU A 141 16.59 -22.33 -4.92
C LEU A 141 17.41 -22.95 -3.80
N VAL A 142 16.84 -23.95 -3.14
CA VAL A 142 17.54 -24.68 -2.08
C VAL A 142 17.08 -26.12 -2.07
N THR A 143 18.01 -27.05 -2.31
CA THR A 143 17.75 -28.48 -2.23
C THR A 143 18.73 -29.09 -1.24
N VAL A 144 18.23 -29.99 -0.41
CA VAL A 144 18.98 -30.50 0.74
C VAL A 144 19.36 -31.97 0.57
N SER A 145 19.38 -32.46 -0.67
CA SER A 145 19.78 -33.85 -0.89
C SER A 145 21.24 -34.06 -0.51
N SER A 146 22.12 -33.14 -0.89
CA SER A 146 23.55 -33.26 -0.59
C SER A 146 24.12 -34.54 -1.19
N ASP B 27 -5.32 -24.91 8.32
CA ASP B 27 -6.72 -25.15 8.78
C ASP B 27 -7.69 -25.16 7.60
N ILE B 28 -7.58 -24.16 6.73
CA ILE B 28 -8.44 -24.01 5.57
C ILE B 28 -7.77 -24.67 4.37
N GLN B 29 -8.52 -25.48 3.64
CA GLN B 29 -8.01 -26.22 2.50
C GLN B 29 -8.85 -25.86 1.27
N MET B 30 -8.18 -25.76 0.12
CA MET B 30 -8.82 -25.32 -1.11
C MET B 30 -8.85 -26.44 -2.14
N THR B 31 -9.72 -26.29 -3.14
CA THR B 31 -9.71 -27.18 -4.29
C THR B 31 -10.20 -26.41 -5.51
N GLN B 32 -9.47 -26.57 -6.61
CA GLN B 32 -9.90 -26.06 -7.91
C GLN B 32 -10.07 -27.24 -8.84
N SER B 33 -11.29 -27.41 -9.37
CA SER B 33 -11.64 -28.67 -10.01
C SER B 33 -10.76 -28.99 -11.22
N PRO B 34 -10.60 -28.11 -12.21
CA PRO B 34 -9.91 -28.52 -13.44
C PRO B 34 -8.48 -28.98 -13.21
N SER B 35 -7.63 -28.08 -12.70
CA SER B 35 -6.23 -28.38 -12.44
C SER B 35 -5.45 -28.61 -13.73
N SER B 36 -6.14 -28.64 -14.87
CA SER B 36 -5.53 -28.83 -16.17
C SER B 36 -6.60 -28.66 -17.22
N LEU B 37 -6.27 -27.96 -18.30
CA LEU B 37 -7.25 -27.73 -19.36
C LEU B 37 -6.53 -27.46 -20.67
N SER B 38 -7.26 -27.66 -21.76
CA SER B 38 -6.77 -27.40 -23.11
C SER B 38 -7.62 -26.29 -23.71
N ALA B 39 -6.97 -25.22 -24.17
CA ALA B 39 -7.66 -24.05 -24.72
C ALA B 39 -7.09 -23.75 -26.09
N SER B 40 -7.79 -24.18 -27.13
CA SER B 40 -7.47 -23.81 -28.50
C SER B 40 -8.04 -22.42 -28.76
N VAL B 41 -8.10 -22.02 -30.03
CA VAL B 41 -8.70 -20.74 -30.37
C VAL B 41 -10.12 -20.70 -29.81
N GLY B 42 -10.35 -19.79 -28.86
CA GLY B 42 -11.61 -19.72 -28.17
C GLY B 42 -11.61 -18.68 -27.07
N ASP B 43 -12.75 -18.03 -26.86
CA ASP B 43 -12.86 -16.92 -25.92
C ASP B 43 -13.53 -17.33 -24.61
N ARG B 44 -13.64 -18.63 -24.33
CA ARG B 44 -14.32 -19.12 -23.12
C ARG B 44 -13.38 -20.07 -22.39
N VAL B 45 -12.55 -19.52 -21.51
CA VAL B 45 -11.71 -20.29 -20.61
C VAL B 45 -11.99 -19.85 -19.19
N THR B 46 -12.31 -20.81 -18.32
CA THR B 46 -12.73 -20.54 -16.95
C THR B 46 -12.03 -21.48 -15.99
N ILE B 47 -11.81 -20.98 -14.77
CA ILE B 47 -11.18 -21.74 -13.69
C ILE B 47 -12.06 -21.62 -12.45
N THR B 48 -12.34 -22.76 -11.82
CA THR B 48 -13.21 -22.81 -10.66
C THR B 48 -12.38 -23.03 -9.39
N CYS B 49 -12.61 -22.19 -8.39
CA CYS B 49 -11.92 -22.28 -7.10
C CYS B 49 -12.97 -22.37 -6.00
N ARG B 50 -12.79 -23.33 -5.10
CA ARG B 50 -13.75 -23.59 -4.03
C ARG B 50 -13.01 -23.79 -2.71
N ALA B 51 -13.66 -23.36 -1.63
CA ALA B 51 -13.08 -23.36 -0.30
C ALA B 51 -13.92 -24.21 0.65
N SER B 52 -13.25 -24.75 1.68
CA SER B 52 -13.95 -25.57 2.66
C SER B 52 -14.95 -24.74 3.45
N GLN B 53 -14.59 -23.51 3.81
CA GLN B 53 -15.42 -22.64 4.64
C GLN B 53 -15.78 -21.37 3.86
N SER B 54 -16.89 -20.75 4.26
CA SER B 54 -17.37 -19.55 3.60
C SER B 54 -16.35 -18.42 3.67
N ILE B 55 -15.78 -18.05 2.51
CA ILE B 55 -14.70 -17.07 2.48
C ILE B 55 -15.21 -15.64 2.32
N SER B 56 -16.48 -15.44 2.00
CA SER B 56 -17.03 -14.11 1.72
C SER B 56 -16.36 -13.62 0.43
N ASN B 57 -15.77 -12.43 0.39
CA ASN B 57 -15.17 -11.88 -0.81
C ASN B 57 -13.68 -11.59 -0.62
N TYR B 58 -12.98 -12.52 0.03
CA TYR B 58 -11.54 -12.42 0.23
C TYR B 58 -10.86 -13.45 -0.65
N LEU B 59 -10.10 -12.99 -1.65
CA LEU B 59 -9.46 -13.89 -2.59
C LEU B 59 -8.26 -13.21 -3.23
N ASN B 60 -7.45 -14.02 -3.91
CA ASN B 60 -6.46 -13.54 -4.85
C ASN B 60 -6.29 -14.57 -5.95
N TRP B 61 -6.10 -14.10 -7.17
CA TRP B 61 -5.77 -14.95 -8.30
C TRP B 61 -4.48 -14.43 -8.92
N TYR B 62 -3.43 -15.25 -8.86
CA TYR B 62 -2.09 -14.88 -9.31
C TYR B 62 -1.70 -15.66 -10.55
N GLN B 63 -0.77 -15.10 -11.30
CA GLN B 63 -0.19 -15.74 -12.47
C GLN B 63 1.28 -16.00 -12.23
N GLN B 64 1.78 -17.08 -12.83
CA GLN B 64 3.20 -17.43 -12.75
C GLN B 64 3.61 -17.99 -14.10
N LYS B 65 4.47 -17.26 -14.82
CA LYS B 65 5.03 -17.76 -16.05
C LYS B 65 6.06 -18.85 -15.74
N PRO B 66 6.39 -19.70 -16.71
CA PRO B 66 7.36 -20.77 -16.44
C PRO B 66 8.67 -20.23 -15.91
N GLY B 67 8.98 -20.57 -14.65
CA GLY B 67 10.23 -20.13 -14.06
C GLY B 67 10.36 -18.63 -13.91
N LYS B 68 9.27 -17.94 -13.54
CA LYS B 68 9.30 -16.51 -13.32
C LYS B 68 8.53 -16.18 -12.04
N ALA B 69 8.86 -15.04 -11.45
CA ALA B 69 8.20 -14.62 -10.24
C ALA B 69 6.72 -14.37 -10.52
N PRO B 70 5.80 -14.94 -9.74
CA PRO B 70 4.38 -14.71 -10.00
C PRO B 70 4.00 -13.24 -9.80
N ASN B 71 2.99 -12.81 -10.54
CA ASN B 71 2.44 -11.47 -10.42
C ASN B 71 0.92 -11.56 -10.33
N LEU B 72 0.30 -10.46 -9.91
CA LEU B 72 -1.14 -10.44 -9.71
C LEU B 72 -1.90 -10.57 -11.02
N LEU B 73 -3.08 -11.17 -10.93
CA LEU B 73 -4.04 -11.23 -12.02
C LEU B 73 -5.39 -10.66 -11.62
N ILE B 74 -5.82 -10.88 -10.38
CA ILE B 74 -7.05 -10.29 -9.87
C ILE B 74 -6.79 -9.73 -8.48
N PHE B 75 -7.50 -8.64 -8.16
CA PHE B 75 -7.24 -7.91 -6.91
C PHE B 75 -7.90 -8.58 -5.72
N ALA B 76 -9.23 -8.64 -5.70
CA ALA B 76 -9.95 -9.24 -4.58
C ALA B 76 -11.37 -9.54 -5.05
N ALA B 77 -11.70 -10.81 -5.17
CA ALA B 77 -13.06 -11.23 -5.51
C ALA B 77 -13.43 -10.79 -6.91
N SER B 78 -13.71 -9.50 -7.10
CA SER B 78 -14.20 -9.00 -8.38
C SER B 78 -13.59 -7.66 -8.74
N SER B 79 -12.35 -7.41 -8.33
CA SER B 79 -11.65 -6.16 -8.63
C SER B 79 -10.37 -6.47 -9.40
N LEU B 80 -10.06 -5.62 -10.38
CA LEU B 80 -8.86 -5.77 -11.17
C LEU B 80 -7.74 -4.93 -10.57
N GLN B 81 -6.51 -5.17 -11.05
CA GLN B 81 -5.33 -4.46 -10.61
C GLN B 81 -4.64 -3.84 -11.82
N SER B 82 -4.34 -2.55 -11.74
CA SER B 82 -3.79 -1.83 -12.88
C SER B 82 -2.50 -2.49 -13.35
N GLY B 83 -2.40 -2.70 -14.66
CA GLY B 83 -1.23 -3.32 -15.25
C GLY B 83 -1.56 -4.53 -16.11
N VAL B 84 -2.84 -4.88 -16.16
CA VAL B 84 -3.28 -6.03 -16.95
C VAL B 84 -4.50 -5.62 -17.78
N PRO B 85 -4.73 -6.24 -18.94
CA PRO B 85 -5.89 -5.87 -19.74
C PRO B 85 -7.19 -6.09 -18.99
N SER B 86 -8.28 -5.62 -19.59
CA SER B 86 -9.61 -5.75 -19.00
C SER B 86 -10.29 -7.06 -19.36
N ARG B 87 -9.64 -7.92 -20.15
CA ARG B 87 -10.27 -9.17 -20.54
C ARG B 87 -10.56 -10.05 -19.33
N PHE B 88 -9.62 -10.14 -18.40
CA PHE B 88 -9.78 -11.00 -17.23
C PHE B 88 -10.99 -10.55 -16.41
N SER B 89 -11.72 -11.52 -15.85
CA SER B 89 -12.86 -11.20 -15.02
C SER B 89 -13.05 -12.28 -13.98
N GLY B 90 -13.79 -11.94 -12.93
CA GLY B 90 -14.11 -12.89 -11.87
C GLY B 90 -15.17 -12.38 -10.92
N SER B 91 -16.19 -13.19 -10.66
CA SER B 91 -17.28 -12.82 -9.78
C SER B 91 -17.63 -14.00 -8.90
N GLY B 92 -18.57 -13.77 -7.98
CA GLY B 92 -18.99 -14.81 -7.05
C GLY B 92 -18.20 -14.78 -5.76
N SER B 93 -18.91 -14.69 -4.64
CA SER B 93 -18.30 -14.64 -3.32
C SER B 93 -18.88 -15.72 -2.43
N GLY B 94 -18.41 -15.75 -1.18
CA GLY B 94 -18.91 -16.66 -0.19
C GLY B 94 -18.28 -18.05 -0.20
N THR B 95 -18.68 -18.89 -1.16
CA THR B 95 -18.23 -20.29 -1.15
C THR B 95 -17.82 -20.80 -2.53
N GLU B 96 -18.05 -20.04 -3.60
CA GLU B 96 -17.73 -20.49 -4.96
C GLU B 96 -17.09 -19.33 -5.70
N PHE B 97 -16.09 -19.62 -6.54
CA PHE B 97 -15.36 -18.58 -7.25
C PHE B 97 -15.01 -19.06 -8.65
N THR B 98 -15.08 -18.16 -9.62
CA THR B 98 -14.90 -18.52 -11.02
C THR B 98 -14.17 -17.40 -11.75
N LEU B 99 -12.94 -17.68 -12.16
CA LEU B 99 -12.19 -16.78 -13.04
C LEU B 99 -12.56 -17.09 -14.48
N THR B 100 -12.69 -16.04 -15.30
CA THR B 100 -13.05 -16.21 -16.70
C THR B 100 -12.22 -15.25 -17.55
N ILE B 101 -11.92 -15.69 -18.77
CA ILE B 101 -11.22 -14.86 -19.74
C ILE B 101 -12.04 -14.85 -21.03
N SER B 102 -11.82 -13.81 -21.85
CA SER B 102 -12.64 -13.59 -23.03
C SER B 102 -11.80 -13.36 -24.29
N SER B 103 -10.62 -13.97 -24.38
CA SER B 103 -9.79 -13.84 -25.57
C SER B 103 -8.65 -14.85 -25.44
N LEU B 104 -7.70 -14.79 -26.38
CA LEU B 104 -6.54 -15.67 -26.36
C LEU B 104 -5.25 -14.92 -26.10
N GLN B 105 -4.89 -13.95 -26.96
CA GLN B 105 -3.65 -13.19 -26.80
C GLN B 105 -2.53 -14.14 -26.41
N PRO B 106 -2.00 -14.93 -27.34
CA PRO B 106 -1.15 -16.06 -26.94
C PRO B 106 0.15 -15.64 -26.28
N GLU B 107 0.02 -15.00 -25.11
CA GLU B 107 1.16 -14.69 -24.26
C GLU B 107 0.85 -14.91 -22.79
N ASP B 108 -0.35 -15.40 -22.47
CA ASP B 108 -0.79 -15.57 -21.08
C ASP B 108 -0.95 -17.03 -20.69
N PHE B 109 -0.44 -17.97 -21.50
CA PHE B 109 -0.51 -19.38 -21.15
C PHE B 109 0.46 -19.68 -20.02
N ALA B 110 -0.03 -19.63 -18.79
CA ALA B 110 0.82 -19.79 -17.61
C ALA B 110 -0.05 -20.21 -16.43
N ALA B 111 0.50 -20.12 -15.23
CA ALA B 111 -0.21 -20.54 -14.03
C ALA B 111 -1.34 -19.58 -13.69
N TYR B 112 -2.38 -20.12 -13.05
CA TYR B 112 -3.59 -19.39 -12.64
C TYR B 112 -3.91 -19.68 -11.18
N TYR B 113 -2.90 -19.51 -10.31
CA TYR B 113 -3.01 -19.97 -8.93
C TYR B 113 -4.07 -19.20 -8.16
N CYS B 114 -4.69 -19.90 -7.21
CA CYS B 114 -5.73 -19.38 -6.33
C CYS B 114 -5.16 -19.23 -4.92
N LEU B 115 -5.48 -18.12 -4.26
CA LEU B 115 -4.96 -17.83 -2.93
C LEU B 115 -6.05 -17.22 -2.05
N GLN B 116 -5.93 -17.44 -0.75
CA GLN B 116 -6.90 -16.98 0.24
C GLN B 116 -6.34 -15.82 1.05
N THR B 117 -7.25 -15.02 1.60
CA THR B 117 -6.90 -13.94 2.51
C THR B 117 -7.93 -13.85 3.63
N TYR B 118 -8.32 -14.99 4.19
CA TYR B 118 -9.33 -15.04 5.23
C TYR B 118 -8.73 -15.16 6.63
N SER B 119 -7.85 -16.12 6.85
CA SER B 119 -7.26 -16.37 8.16
C SER B 119 -5.76 -16.54 8.01
N THR B 120 -5.09 -16.85 9.13
CA THR B 120 -3.64 -16.92 9.18
C THR B 120 -3.06 -18.10 8.40
N PRO B 121 -3.79 -19.24 8.26
CA PRO B 121 -3.18 -20.36 7.52
C PRO B 121 -2.78 -19.99 6.10
N ARG B 122 -3.69 -19.33 5.39
CA ARG B 122 -3.43 -18.85 4.02
C ARG B 122 -2.75 -19.91 3.17
N THR B 123 -3.49 -21.01 2.94
CA THR B 123 -3.02 -22.06 2.05
C THR B 123 -3.36 -21.69 0.61
N PHE B 124 -2.42 -21.96 -0.30
CA PHE B 124 -2.64 -21.68 -1.71
C PHE B 124 -3.48 -22.79 -2.35
N GLY B 125 -3.67 -22.68 -3.66
CA GLY B 125 -4.30 -23.73 -4.43
C GLY B 125 -3.29 -24.76 -4.89
N GLN B 126 -3.73 -25.58 -5.84
CA GLN B 126 -2.84 -26.61 -6.41
C GLN B 126 -2.10 -26.07 -7.63
N GLY B 127 -2.83 -25.67 -8.66
CA GLY B 127 -2.23 -25.07 -9.83
C GLY B 127 -3.05 -25.39 -11.06
N THR B 128 -2.54 -24.90 -12.21
CA THR B 128 -3.20 -25.10 -13.49
C THR B 128 -2.15 -25.01 -14.59
N ARG B 129 -2.51 -25.56 -15.75
CA ARG B 129 -1.68 -25.47 -16.95
C ARG B 129 -2.59 -25.19 -18.14
N LEU B 130 -2.04 -24.46 -19.12
CA LEU B 130 -2.76 -24.13 -20.33
C LEU B 130 -2.03 -24.73 -21.52
N GLU B 131 -2.79 -25.41 -22.39
CA GLU B 131 -2.22 -26.09 -23.54
C GLU B 131 -2.30 -25.19 -24.77
N ILE B 132 -1.99 -25.75 -25.93
CA ILE B 132 -2.09 -25.03 -27.20
C ILE B 132 -2.97 -25.74 -28.20
N LYS B 133 -3.22 -27.04 -28.05
CA LYS B 133 -4.04 -27.79 -29.00
C LYS B 133 -3.53 -27.63 -30.42
N ASN C 334 16.59 37.99 3.59
CA ASN C 334 15.57 38.45 4.52
C ASN C 334 14.19 37.97 4.09
N LEU C 335 14.07 37.59 2.82
CA LEU C 335 12.81 37.09 2.30
C LEU C 335 12.51 35.71 2.88
N CYS C 336 11.23 35.43 3.09
CA CYS C 336 10.83 34.18 3.72
C CYS C 336 11.11 32.99 2.81
N PRO C 337 11.30 31.80 3.39
CA PRO C 337 11.64 30.63 2.56
C PRO C 337 10.41 30.01 1.92
N PHE C 338 9.55 30.84 1.32
CA PHE C 338 8.36 30.30 0.67
C PHE C 338 8.72 29.35 -0.46
N GLY C 339 9.75 29.70 -1.24
CA GLY C 339 10.19 28.80 -2.28
C GLY C 339 10.66 27.46 -1.75
N GLU C 340 11.04 27.41 -0.47
CA GLU C 340 11.47 26.17 0.16
C GLU C 340 10.30 25.32 0.64
N VAL C 341 9.07 25.82 0.55
CA VAL C 341 7.88 25.09 0.97
C VAL C 341 6.86 24.99 -0.16
N PHE C 342 6.50 26.12 -0.77
CA PHE C 342 5.51 26.12 -1.83
C PHE C 342 5.98 25.29 -3.02
N ASN C 343 7.22 25.49 -3.43
CA ASN C 343 7.76 24.79 -4.59
C ASN C 343 8.73 23.69 -4.14
N ALA C 344 8.51 22.49 -4.68
CA ALA C 344 9.34 21.34 -4.36
C ALA C 344 8.99 20.17 -5.28
N THR C 345 9.78 19.11 -5.23
CA THR C 345 9.56 17.95 -6.09
C THR C 345 8.85 16.81 -5.39
N ARG C 346 8.87 16.77 -4.06
CA ARG C 346 8.24 15.70 -3.30
C ARG C 346 7.45 16.29 -2.14
N PHE C 347 6.44 15.55 -1.70
CA PHE C 347 5.59 15.99 -0.61
C PHE C 347 5.02 14.78 0.11
N ALA C 348 4.67 14.98 1.37
CA ALA C 348 3.98 13.94 2.13
C ALA C 348 2.60 13.69 1.55
N SER C 349 2.09 12.47 1.74
CA SER C 349 0.86 12.11 1.06
C SER C 349 -0.35 12.76 1.70
N VAL C 350 -0.73 12.35 2.91
CA VAL C 350 -1.74 13.07 3.67
C VAL C 350 -1.34 13.22 5.13
N TYR C 351 -0.51 12.31 5.63
CA TYR C 351 -0.27 12.21 7.06
C TYR C 351 1.13 12.60 7.49
N ALA C 352 2.13 12.43 6.64
CA ALA C 352 3.48 12.87 6.95
C ALA C 352 3.68 14.36 6.64
N TRP C 353 2.59 15.10 6.50
CA TRP C 353 2.64 16.52 6.16
C TRP C 353 3.73 17.24 6.95
N ASN C 354 4.68 17.84 6.22
CA ASN C 354 5.88 18.42 6.82
C ASN C 354 5.53 19.81 7.34
N ARG C 355 5.23 19.87 8.64
CA ARG C 355 4.92 21.14 9.29
C ARG C 355 6.21 21.94 9.44
N LYS C 356 6.36 22.99 8.64
CA LYS C 356 7.55 23.84 8.67
C LYS C 356 7.19 25.15 9.35
N ARG C 357 7.85 25.44 10.45
CA ARG C 357 7.68 26.71 11.14
C ARG C 357 8.67 27.72 10.59
N ILE C 358 8.18 28.89 10.18
CA ILE C 358 9.03 29.91 9.58
C ILE C 358 8.81 31.23 10.31
N SER C 359 9.91 31.89 10.66
CA SER C 359 9.86 33.15 11.38
C SER C 359 11.16 33.90 11.10
N ASN C 360 11.29 35.07 11.73
CA ASN C 360 12.45 35.95 11.52
C ASN C 360 12.56 36.29 10.03
N CYS C 361 11.54 36.97 9.53
CA CYS C 361 11.44 37.29 8.11
C CYS C 361 10.53 38.47 7.90
N VAL C 362 10.46 38.91 6.65
CA VAL C 362 9.50 39.92 6.20
C VAL C 362 8.49 39.22 5.31
N ALA C 363 7.22 39.32 5.68
CA ALA C 363 6.17 38.62 4.95
C ALA C 363 5.80 39.38 3.68
N ASP C 364 5.77 38.66 2.57
CA ASP C 364 5.36 39.22 1.28
C ASP C 364 4.12 38.49 0.81
N TYR C 365 3.08 39.25 0.45
CA TYR C 365 1.81 38.71 0.00
C TYR C 365 1.43 39.32 -1.34
N SER C 366 2.39 39.37 -2.26
CA SER C 366 2.17 39.83 -3.62
C SER C 366 1.98 38.68 -4.59
N VAL C 367 2.91 37.72 -4.60
CA VAL C 367 2.78 36.57 -5.48
C VAL C 367 1.54 35.76 -5.11
N LEU C 368 1.32 35.54 -3.81
CA LEU C 368 0.14 34.81 -3.38
C LEU C 368 -1.13 35.58 -3.68
N TYR C 369 -1.13 36.89 -3.41
CA TYR C 369 -2.34 37.68 -3.60
C TYR C 369 -2.80 37.66 -5.05
N ASN C 370 -1.85 37.79 -5.99
CA ASN C 370 -2.21 37.81 -7.40
C ASN C 370 -2.84 36.50 -7.85
N SER C 371 -2.67 35.42 -7.08
CA SER C 371 -3.33 34.15 -7.37
C SER C 371 -2.71 33.47 -8.58
N ALA C 372 -2.82 34.10 -9.76
CA ALA C 372 -2.27 33.55 -10.99
C ALA C 372 -2.88 32.18 -11.29
N SER C 373 -2.18 31.10 -10.95
CA SER C 373 -2.65 29.75 -11.21
C SER C 373 -3.34 29.13 -10.01
N PHE C 374 -3.65 29.92 -8.99
CA PHE C 374 -4.18 29.37 -7.75
C PHE C 374 -5.64 28.97 -7.92
N SER C 375 -5.92 27.68 -7.74
CA SER C 375 -7.25 27.17 -8.04
C SER C 375 -8.30 27.74 -7.09
N THR C 376 -8.00 27.78 -5.80
CA THR C 376 -8.96 28.26 -4.81
C THR C 376 -8.19 28.91 -3.67
N PHE C 377 -8.27 30.24 -3.58
CA PHE C 377 -7.56 31.01 -2.57
C PHE C 377 -8.42 31.31 -1.35
N LYS C 378 -9.48 30.52 -1.12
CA LYS C 378 -10.33 30.75 0.04
C LYS C 378 -9.50 30.74 1.31
N CYS C 379 -9.73 31.73 2.17
CA CYS C 379 -9.04 31.83 3.45
C CYS C 379 -10.07 32.02 4.56
N TYR C 380 -9.95 31.22 5.62
CA TYR C 380 -10.86 31.27 6.75
C TYR C 380 -10.18 32.04 7.88
N GLY C 381 -10.76 33.18 8.24
CA GLY C 381 -10.18 34.03 9.27
C GLY C 381 -9.85 35.42 8.76
N VAL C 382 -8.59 35.82 8.89
CA VAL C 382 -8.18 37.14 8.43
C VAL C 382 -8.44 37.27 6.93
N SER C 383 -8.86 38.46 6.53
CA SER C 383 -9.17 38.70 5.12
C SER C 383 -7.90 38.55 4.28
N PRO C 384 -8.02 38.07 3.04
CA PRO C 384 -6.82 37.87 2.22
C PRO C 384 -6.23 39.17 1.70
N THR C 385 -7.10 40.18 1.50
CA THR C 385 -6.64 41.45 0.96
C THR C 385 -5.69 42.16 1.93
N LYS C 386 -6.01 42.13 3.22
CA LYS C 386 -5.28 42.90 4.23
C LYS C 386 -4.19 42.08 4.90
N LEU C 387 -3.77 40.96 4.30
CA LEU C 387 -2.79 40.10 4.95
C LEU C 387 -1.46 40.82 5.18
N ASN C 388 -1.00 41.57 4.18
CA ASN C 388 0.31 42.22 4.26
C ASN C 388 0.33 43.39 5.22
N ASP C 389 -0.74 43.67 5.98
CA ASP C 389 -0.78 44.79 6.90
C ASP C 389 -0.48 44.37 8.33
N LEU C 390 -1.12 43.30 8.81
CA LEU C 390 -0.94 42.88 10.19
C LEU C 390 0.34 42.10 10.36
N CYS C 391 1.04 42.36 11.46
CA CYS C 391 2.29 41.67 11.78
C CYS C 391 1.98 40.43 12.59
N PHE C 392 2.15 39.25 11.99
CA PHE C 392 1.88 38.01 12.67
C PHE C 392 2.97 37.68 13.68
N THR C 393 2.67 36.73 14.57
CA THR C 393 3.60 36.36 15.64
C THR C 393 4.49 35.19 15.22
N ASN C 394 3.88 34.05 14.91
CA ASN C 394 4.61 32.87 14.45
C ASN C 394 3.75 32.14 13.46
N VAL C 395 4.35 31.70 12.35
CA VAL C 395 3.60 31.15 11.23
C VAL C 395 4.12 29.77 10.89
N TYR C 396 3.19 28.86 10.62
CA TYR C 396 3.48 27.49 10.24
C TYR C 396 2.90 27.22 8.86
N ALA C 397 3.58 26.37 8.10
CA ALA C 397 3.12 25.95 6.79
C ALA C 397 3.00 24.44 6.77
N ASP C 398 1.86 23.94 6.30
CA ASP C 398 1.61 22.52 6.17
C ASP C 398 1.27 22.22 4.72
N SER C 399 1.69 21.05 4.23
CA SER C 399 1.49 20.69 2.83
C SER C 399 1.09 19.23 2.72
N PHE C 400 0.30 18.92 1.71
CA PHE C 400 -0.09 17.54 1.41
C PHE C 400 -0.83 17.54 0.07
N VAL C 401 -1.37 16.38 -0.31
CA VAL C 401 -2.12 16.23 -1.55
C VAL C 401 -3.46 15.60 -1.22
N ILE C 402 -4.51 16.07 -1.91
CA ILE C 402 -5.88 15.65 -1.64
C ILE C 402 -6.53 15.25 -2.97
N ARG C 403 -7.53 14.37 -2.86
CA ARG C 403 -8.15 13.81 -4.05
C ARG C 403 -8.80 14.89 -4.91
N GLY C 404 -9.46 15.85 -4.28
CA GLY C 404 -9.96 17.01 -4.99
C GLY C 404 -11.48 17.13 -4.96
N ASP C 405 -12.18 16.02 -5.15
CA ASP C 405 -13.62 16.03 -4.96
C ASP C 405 -14.00 16.32 -3.52
N GLU C 406 -13.04 16.21 -2.60
CA GLU C 406 -13.24 16.45 -1.18
C GLU C 406 -12.24 17.47 -0.65
N VAL C 407 -11.84 18.43 -1.49
CA VAL C 407 -10.95 19.50 -1.03
C VAL C 407 -11.65 20.36 0.01
N ARG C 408 -12.96 20.55 -0.12
CA ARG C 408 -13.69 21.38 0.84
C ARG C 408 -13.57 20.88 2.26
N GLN C 409 -13.23 19.60 2.45
CA GLN C 409 -13.11 19.06 3.80
C GLN C 409 -12.06 19.78 4.63
N ILE C 410 -11.13 20.49 3.98
CA ILE C 410 -10.10 21.22 4.71
C ILE C 410 -10.67 22.57 5.12
N ALA C 411 -11.32 22.61 6.28
CA ALA C 411 -11.91 23.83 6.80
C ALA C 411 -12.43 23.55 8.20
N PRO C 412 -12.60 24.59 9.03
CA PRO C 412 -13.06 24.36 10.40
C PRO C 412 -14.44 23.71 10.43
N GLY C 413 -14.64 22.82 11.39
CA GLY C 413 -15.94 22.22 11.62
C GLY C 413 -16.50 21.50 10.41
N GLN C 414 -15.65 20.79 9.66
CA GLN C 414 -16.07 20.04 8.48
C GLN C 414 -15.56 18.60 8.64
N THR C 415 -16.47 17.68 8.96
CA THR C 415 -16.12 16.28 9.11
C THR C 415 -15.92 15.66 7.72
N GLY C 416 -15.70 14.35 7.69
CA GLY C 416 -15.46 13.66 6.44
C GLY C 416 -14.57 12.46 6.62
N LYS C 417 -13.51 12.38 5.80
CA LYS C 417 -12.60 11.24 5.86
C LYS C 417 -11.15 11.70 5.90
N ILE C 418 -10.87 12.88 5.34
CA ILE C 418 -9.54 13.46 5.37
C ILE C 418 -9.45 14.43 6.54
N ALA C 419 -10.56 15.10 6.84
CA ALA C 419 -10.61 16.09 7.91
C ALA C 419 -10.90 15.46 9.26
N ASP C 420 -11.09 14.15 9.33
CA ASP C 420 -11.47 13.48 10.56
C ASP C 420 -10.49 12.42 11.02
N TYR C 421 -9.56 11.97 10.17
CA TYR C 421 -8.66 10.87 10.51
C TYR C 421 -7.20 11.24 10.45
N ASN C 422 -6.79 12.10 9.51
CA ASN C 422 -5.37 12.38 9.29
C ASN C 422 -5.00 13.85 9.34
N TYR C 423 -5.95 14.78 9.17
CA TYR C 423 -5.64 16.20 9.22
C TYR C 423 -6.86 16.94 9.76
N LYS C 424 -6.85 17.26 11.04
CA LYS C 424 -7.95 17.93 11.71
C LYS C 424 -7.61 19.40 11.93
N LEU C 425 -8.50 20.29 11.47
CA LEU C 425 -8.29 21.72 11.59
C LEU C 425 -9.03 22.23 12.83
N PRO C 426 -8.41 23.02 13.70
CA PRO C 426 -9.10 23.40 14.94
C PRO C 426 -10.25 24.36 14.68
N ASP C 427 -11.15 24.43 15.67
CA ASP C 427 -12.34 25.27 15.53
C ASP C 427 -11.96 26.74 15.38
N ASP C 428 -10.97 27.21 16.16
CA ASP C 428 -10.57 28.60 16.14
C ASP C 428 -9.48 28.90 15.12
N PHE C 429 -9.42 28.13 14.04
CA PHE C 429 -8.42 28.37 13.01
C PHE C 429 -8.64 29.73 12.37
N THR C 430 -7.54 30.37 11.98
CA THR C 430 -7.59 31.71 11.41
C THR C 430 -6.73 31.85 10.15
N GLY C 431 -5.99 30.83 9.76
CA GLY C 431 -5.07 30.92 8.64
C GLY C 431 -5.77 30.81 7.30
N CYS C 432 -4.98 30.50 6.28
CA CYS C 432 -5.47 30.41 4.91
C CYS C 432 -5.14 29.03 4.33
N VAL C 433 -5.92 28.64 3.32
CA VAL C 433 -5.77 27.35 2.67
C VAL C 433 -5.65 27.58 1.17
N ILE C 434 -4.69 26.89 0.56
CA ILE C 434 -4.35 27.06 -0.85
C ILE C 434 -4.45 25.71 -1.53
N ALA C 435 -5.01 25.69 -2.72
CA ALA C 435 -5.11 24.47 -3.52
C ALA C 435 -4.61 24.74 -4.93
N TRP C 436 -3.70 23.89 -5.41
CA TRP C 436 -3.20 23.96 -6.77
C TRP C 436 -3.70 22.75 -7.54
N ASN C 437 -4.29 23.02 -8.71
CA ASN C 437 -4.64 21.96 -9.64
C ASN C 437 -3.36 21.41 -10.25
N SER C 438 -3.22 20.09 -10.30
CA SER C 438 -1.95 19.52 -10.72
C SER C 438 -2.17 18.11 -11.27
N ASN C 439 -2.00 17.95 -12.58
CA ASN C 439 -1.93 16.65 -13.21
C ASN C 439 -0.59 16.37 -13.87
N ASN C 440 0.09 17.40 -14.37
CA ASN C 440 1.33 17.17 -15.11
C ASN C 440 2.40 16.53 -14.24
N LEU C 441 2.55 17.01 -13.01
CA LEU C 441 3.64 16.59 -12.13
C LEU C 441 3.18 15.62 -11.04
N ASP C 442 1.90 15.25 -11.00
CA ASP C 442 1.37 14.44 -9.93
C ASP C 442 0.69 13.17 -10.41
N SER C 443 0.97 12.71 -11.63
CA SER C 443 0.34 11.50 -12.16
C SER C 443 1.20 10.92 -13.27
N LYS C 444 1.74 9.72 -13.03
CA LYS C 444 2.47 9.02 -14.06
C LYS C 444 1.50 8.33 -15.02
N VAL C 445 2.04 7.83 -16.13
CA VAL C 445 1.20 7.21 -17.15
C VAL C 445 0.46 6.01 -16.57
N GLY C 446 1.16 5.14 -15.85
CA GLY C 446 0.51 3.98 -15.28
C GLY C 446 -0.45 4.34 -14.16
N GLY C 447 -0.07 5.31 -13.33
CA GLY C 447 -0.89 5.71 -12.19
C GLY C 447 -0.11 5.70 -10.90
N ASN C 448 -0.08 6.85 -10.21
CA ASN C 448 0.68 6.94 -8.97
C ASN C 448 0.08 6.05 -7.89
N TYR C 449 0.96 5.45 -7.09
CA TYR C 449 0.55 4.66 -5.93
C TYR C 449 1.44 5.00 -4.75
N ASN C 450 1.78 6.28 -4.61
CA ASN C 450 2.68 6.76 -3.55
C ASN C 450 2.06 7.97 -2.86
N TYR C 451 0.75 7.95 -2.68
CA TYR C 451 0.02 9.04 -2.02
C TYR C 451 -0.97 8.46 -1.02
N LEU C 452 -0.47 7.57 -0.16
CA LEU C 452 -1.31 6.90 0.81
C LEU C 452 -2.00 7.90 1.74
N TYR C 453 -3.21 7.56 2.17
CA TYR C 453 -3.97 8.36 3.11
C TYR C 453 -4.70 7.45 4.07
N ARG C 454 -4.88 7.92 5.30
CA ARG C 454 -5.42 7.06 6.36
C ARG C 454 -6.84 6.61 6.03
N LEU C 455 -7.19 5.44 6.55
CA LEU C 455 -8.46 4.79 6.27
C LEU C 455 -9.23 4.45 7.53
N PHE C 456 -8.55 4.06 8.61
CA PHE C 456 -9.19 3.71 9.87
C PHE C 456 -8.38 4.27 11.02
N ARG C 457 -9.05 4.47 12.15
CA ARG C 457 -8.39 4.89 13.37
C ARG C 457 -9.30 4.60 14.56
N LYS C 458 -8.67 4.27 15.69
CA LYS C 458 -9.45 3.88 16.87
C LYS C 458 -10.37 5.00 17.32
N SER C 459 -9.86 6.23 17.36
CA SER C 459 -10.63 7.37 17.82
C SER C 459 -10.40 8.54 16.87
N ASN C 460 -11.38 9.44 16.84
CA ASN C 460 -11.24 10.65 16.05
C ASN C 460 -9.96 11.38 16.44
N LEU C 461 -9.42 12.15 15.50
CA LEU C 461 -8.14 12.82 15.69
C LEU C 461 -8.37 14.27 16.10
N LYS C 462 -7.77 14.67 17.21
CA LYS C 462 -7.84 16.04 17.67
C LYS C 462 -7.02 16.95 16.74
N PRO C 463 -7.31 18.25 16.73
CA PRO C 463 -6.65 19.13 15.78
C PRO C 463 -5.13 19.13 15.96
N PHE C 464 -4.42 19.18 14.84
CA PHE C 464 -2.97 19.37 14.80
C PHE C 464 -2.25 18.28 15.61
N GLU C 465 -2.39 17.05 15.13
CA GLU C 465 -1.71 15.91 15.73
C GLU C 465 -1.23 14.98 14.64
N ARG C 466 0.08 14.76 14.58
CA ARG C 466 0.64 13.84 13.60
C ARG C 466 0.18 12.41 13.88
N ASP C 467 0.09 11.61 12.82
CA ASP C 467 -0.27 10.20 12.93
C ASP C 467 0.55 9.44 11.89
N ILE C 468 1.73 8.95 12.31
CA ILE C 468 2.61 8.17 11.45
C ILE C 468 2.81 6.83 12.14
N SER C 469 1.98 5.85 11.78
CA SER C 469 2.08 4.51 12.33
C SER C 469 1.19 3.60 11.52
N THR C 470 1.70 2.42 11.18
CA THR C 470 0.98 1.42 10.41
C THR C 470 0.75 0.21 11.30
N GLU C 471 -0.32 0.27 12.10
CA GLU C 471 -0.74 -0.84 12.94
C GLU C 471 -2.10 -1.31 12.46
N ILE C 472 -2.22 -2.61 12.22
CA ILE C 472 -3.39 -3.12 11.53
C ILE C 472 -4.64 -2.90 12.37
N TYR C 473 -5.71 -2.45 11.73
CA TYR C 473 -6.98 -2.24 12.39
C TYR C 473 -7.73 -3.57 12.54
N GLN C 474 -8.78 -3.53 13.36
CA GLN C 474 -9.65 -4.69 13.57
C GLN C 474 -11.08 -4.20 13.61
N ALA C 475 -11.85 -4.52 12.56
CA ALA C 475 -13.24 -4.10 12.51
C ALA C 475 -14.11 -4.95 13.41
N GLY C 476 -13.91 -6.27 13.41
CA GLY C 476 -14.73 -7.17 14.19
C GLY C 476 -14.17 -7.44 15.56
N SER C 477 -14.86 -8.34 16.28
CA SER C 477 -14.43 -8.71 17.61
C SER C 477 -13.22 -9.65 17.59
N THR C 478 -13.07 -10.44 16.52
CA THR C 478 -11.98 -11.40 16.45
C THR C 478 -10.64 -10.67 16.38
N PRO C 479 -9.68 -10.95 17.27
CA PRO C 479 -8.37 -10.32 17.15
C PRO C 479 -7.51 -11.05 16.12
N CYS C 480 -7.02 -10.29 15.14
CA CYS C 480 -6.24 -10.84 14.04
C CYS C 480 -4.74 -10.81 14.30
N ASN C 481 -4.33 -10.44 15.51
CA ASN C 481 -2.92 -10.35 15.86
C ASN C 481 -2.25 -9.22 15.07
N GLY C 482 -1.27 -9.54 14.23
CA GLY C 482 -0.50 -8.50 13.58
C GLY C 482 -0.13 -8.76 12.13
N VAL C 483 -0.98 -9.49 11.39
CA VAL C 483 -0.72 -9.72 9.98
C VAL C 483 -1.92 -9.26 9.15
N GLU C 484 -3.08 -9.86 9.38
CA GLU C 484 -4.33 -9.43 8.76
C GLU C 484 -5.44 -10.36 9.26
N GLY C 485 -6.68 -10.11 8.90
CA GLY C 485 -7.75 -10.94 9.40
C GLY C 485 -9.00 -10.84 8.56
N PHE C 486 -9.97 -11.68 8.91
CA PHE C 486 -11.26 -11.66 8.22
C PHE C 486 -11.94 -10.30 8.35
N ASN C 487 -11.67 -9.59 9.44
CA ASN C 487 -12.22 -8.26 9.68
C ASN C 487 -11.12 -7.30 10.10
N CYS C 488 -9.94 -7.44 9.49
CA CYS C 488 -8.80 -6.58 9.75
C CYS C 488 -8.27 -6.05 8.42
N TYR C 489 -7.90 -4.77 8.41
CA TYR C 489 -7.41 -4.12 7.20
C TYR C 489 -6.15 -3.32 7.53
N PHE C 490 -5.31 -3.16 6.51
CA PHE C 490 -4.15 -2.30 6.64
C PHE C 490 -4.60 -0.84 6.56
N PRO C 491 -4.24 0.01 7.53
CA PRO C 491 -4.78 1.37 7.59
C PRO C 491 -4.04 2.39 6.71
N LEU C 492 -3.79 2.01 5.46
CA LEU C 492 -3.20 2.94 4.49
C LEU C 492 -3.57 2.45 3.09
N GLN C 493 -4.51 3.16 2.45
CA GLN C 493 -4.88 2.88 1.08
C GLN C 493 -4.39 4.00 0.17
N SER C 494 -4.07 3.65 -1.06
CA SER C 494 -3.54 4.60 -2.03
C SER C 494 -4.67 5.23 -2.83
N TYR C 495 -4.43 6.45 -3.30
CA TYR C 495 -5.46 7.18 -4.04
C TYR C 495 -5.84 6.45 -5.32
N GLY C 496 -4.85 5.96 -6.06
CA GLY C 496 -5.10 5.32 -7.34
C GLY C 496 -5.25 6.34 -8.45
N PHE C 497 -4.24 7.20 -8.62
CA PHE C 497 -4.30 8.24 -9.62
C PHE C 497 -4.12 7.66 -11.02
N GLN C 498 -4.64 8.38 -12.01
CA GLN C 498 -4.44 8.08 -13.42
C GLN C 498 -4.33 9.38 -14.17
N PRO C 499 -3.61 9.40 -15.30
CA PRO C 499 -3.46 10.67 -16.03
C PRO C 499 -4.78 11.30 -16.43
N THR C 500 -5.78 10.50 -16.79
CA THR C 500 -7.05 11.05 -17.25
C THR C 500 -8.00 11.34 -16.10
N ASN C 501 -8.36 10.32 -15.33
CA ASN C 501 -9.29 10.49 -14.21
C ASN C 501 -10.48 11.32 -14.64
N GLY C 502 -10.48 12.60 -14.29
CA GLY C 502 -11.58 13.48 -14.65
C GLY C 502 -11.33 14.86 -14.10
N VAL C 503 -12.36 15.71 -14.20
CA VAL C 503 -12.25 17.04 -13.61
C VAL C 503 -11.95 16.94 -12.13
N GLY C 504 -12.60 16.00 -11.44
CA GLY C 504 -12.25 15.64 -10.09
C GLY C 504 -11.40 14.39 -10.04
N TYR C 505 -11.26 13.86 -8.83
CA TYR C 505 -10.52 12.61 -8.60
C TYR C 505 -9.10 12.70 -9.14
N GLN C 506 -8.52 13.90 -9.18
CA GLN C 506 -7.16 14.10 -9.62
C GLN C 506 -6.39 14.88 -8.57
N PRO C 507 -5.07 14.70 -8.49
CA PRO C 507 -4.32 15.25 -7.36
C PRO C 507 -4.44 16.76 -7.30
N TYR C 508 -4.82 17.27 -6.13
CA TYR C 508 -4.77 18.70 -5.85
C TYR C 508 -3.79 18.90 -4.71
N ARG C 509 -2.77 19.72 -4.94
CA ARG C 509 -1.77 19.93 -3.90
C ARG C 509 -2.24 21.07 -2.98
N VAL C 510 -2.41 20.76 -1.70
CA VAL C 510 -3.02 21.69 -0.74
C VAL C 510 -1.96 22.10 0.27
N VAL C 511 -1.82 23.40 0.46
CA VAL C 511 -0.88 23.97 1.42
C VAL C 511 -1.64 24.98 2.28
N VAL C 512 -1.54 24.85 3.58
CA VAL C 512 -2.29 25.70 4.52
C VAL C 512 -1.30 26.42 5.42
N LEU C 513 -1.50 27.72 5.57
CA LEU C 513 -0.68 28.56 6.44
C LEU C 513 -1.48 28.90 7.69
N SER C 514 -0.88 28.68 8.85
CA SER C 514 -1.51 28.97 10.14
C SER C 514 -0.71 30.03 10.87
N PHE C 515 -1.42 30.95 11.52
CA PHE C 515 -0.82 32.08 12.22
C PHE C 515 -1.21 32.05 13.69
N GLU C 516 -0.24 32.27 14.57
CA GLU C 516 -0.49 32.39 15.99
C GLU C 516 -0.82 33.84 16.33
N LEU C 517 -1.70 34.02 17.31
CA LEU C 517 -2.36 35.32 17.47
C LEU C 517 -1.48 36.33 18.22
N LEU C 518 -1.21 36.08 19.50
CA LEU C 518 -0.44 37.02 20.32
C LEU C 518 0.48 36.27 21.28
N HIS C 519 1.17 35.25 20.78
CA HIS C 519 2.09 34.51 21.65
C HIS C 519 3.19 35.42 22.18
N ALA C 520 3.74 36.26 21.32
CA ALA C 520 4.84 37.16 21.70
C ALA C 520 4.82 38.36 20.76
N PRO C 521 5.70 39.34 20.96
CA PRO C 521 5.72 40.47 20.02
C PRO C 521 5.94 39.99 18.60
N ALA C 522 5.27 40.65 17.66
CA ALA C 522 5.24 40.20 16.28
C ALA C 522 6.65 39.97 15.77
N THR C 523 6.85 38.82 15.11
CA THR C 523 8.15 38.43 14.61
C THR C 523 8.26 38.48 13.09
N VAL C 524 7.14 38.42 12.37
CA VAL C 524 7.13 38.51 10.92
C VAL C 524 6.09 39.55 10.51
N CYS C 525 6.47 40.45 9.61
CA CYS C 525 5.56 41.47 9.12
C CYS C 525 5.98 41.88 7.72
N GLY C 526 5.04 42.45 6.99
CA GLY C 526 5.29 42.90 5.64
C GLY C 526 5.74 44.34 5.58
N PRO C 527 5.94 44.87 4.36
CA PRO C 527 6.35 46.26 4.15
C PRO C 527 5.46 47.27 4.88
C1 NAG D . 7.29 28.88 -7.31
C2 NAG D . 7.73 30.27 -6.83
C3 NAG D . 6.94 31.35 -7.54
C4 NAG D . 7.04 31.18 -9.05
C5 NAG D . 6.60 29.77 -9.43
C6 NAG D . 6.75 29.49 -10.91
C7 NAG D . 8.21 31.32 -4.67
C8 NAG D . 7.93 31.31 -3.19
N2 NAG D . 7.58 30.39 -5.39
O3 NAG D . 7.44 32.64 -7.17
O4 NAG D . 6.23 32.13 -9.72
O5 NAG D . 7.40 28.81 -8.74
O6 NAG D . 7.13 28.14 -11.14
O7 NAG D . 8.97 32.14 -5.18
H2 NAG D . 8.67 30.39 -7.05
H3 NAG D . 6.00 31.29 -7.28
H4 NAG D . 7.97 31.30 -9.33
H5 NAG D . 5.66 29.65 -9.19
H61 NAG D . 7.44 30.07 -11.29
H62 NAG D . 5.90 29.66 -11.36
H81 NAG D . 8.66 31.77 -2.72
H82 NAG D . 7.88 30.39 -2.88
H83 NAG D . 7.10 31.77 -3.02
HN2 NAG D . 7.03 29.81 -4.96
HO3 NAG D . 8.32 32.58 -7.08
HO6 NAG D . 8.01 28.08 -11.25
C1 NAG D . 7.09 33.06 -10.41
C2 NAG D . 6.24 33.93 -11.32
C3 NAG D . 7.10 34.98 -12.03
C4 NAG D . 7.89 35.77 -11.00
C5 NAG D . 8.69 34.83 -10.11
C6 NAG D . 9.43 35.55 -8.99
C7 NAG D . 5.95 32.29 -13.20
C8 NAG D . 7.44 32.13 -13.28
N2 NAG D . 5.47 33.15 -12.28
O3 NAG D . 6.27 35.85 -12.78
O4 NAG D . 8.79 36.67 -11.66
O5 NAG D . 7.81 33.89 -9.48
O6 NAG D . 8.52 36.18 -8.11
O7 NAG D . 5.19 31.69 -13.96
H2 NAG D . 5.61 34.41 -10.75
H3 NAG D . 7.74 34.56 -12.63
H4 NAG D . 7.27 36.29 -10.45
H5 NAG D . 9.34 34.35 -10.65
H61 NAG D . 10.01 36.22 -9.38
H62 NAG D . 9.96 34.90 -8.50
H81 NAG D . 7.62 31.34 -13.82
H82 NAG D . 7.84 31.99 -12.41
H83 NAG D . 7.83 32.91 -13.73
HN2 NAG D . 4.56 33.23 -12.24
HO3 NAG D . 5.74 35.38 -13.30
HO4 NAG D . 8.50 37.50 -11.56
HO6 NAG D . 8.48 35.73 -7.35
#